data_7OBY
#
_entry.id   7OBY
#
_cell.length_a   83.514
_cell.length_b   111.199
_cell.length_c   62.590
_cell.angle_alpha   90.000
_cell.angle_beta   90.000
_cell.angle_gamma   90.000
#
_symmetry.space_group_name_H-M   'C 2 2 21'
#
loop_
_entity.id
_entity.type
_entity.pdbx_description
1 polymer '14-3-3 protein sigma'
2 polymer 'SSBP4 phosphopeptide'
3 non-polymer FUSICOCCIN
4 non-polymer 'CHLORIDE ION'
5 non-polymer 'MAGNESIUM ION'
6 water water
#
loop_
_entity_poly.entity_id
_entity_poly.type
_entity_poly.pdbx_seq_one_letter_code
_entity_poly.pdbx_strand_id
1 'polypeptide(L)'
;GAMGSMERASLIQKAKLAEQAERYEDMAAFMKGAVEKGEELS(CSO)EERNLLSVAYKNVVGGQRAAWRVLSSIEQKSNE
EGSEEKGPEVREYREKVETELQGVCDTVLGLLDSHLIKEAGDAESRVFYLKMKGDYYRYLAEVATGDDKKRIIDSARSAY
QEAMDISKKEMPPTNPIRLGLALNFSVFHYEIANSPEEAISLAKTTFDEAMADLHTLSEDSYKDSTLIMQLLRDNLTLWT
ADNAGEEGGEAPQEPQS
;
A
2 'polypeptide(L)' ESYSPGMTM(SEP)V B
#
# COMPACT_ATOMS: atom_id res chain seq x y z
N GLY A 1 -3.36 11.22 -22.22
CA GLY A 1 -4.26 10.29 -21.49
C GLY A 1 -5.70 10.58 -21.79
N ALA A 2 -6.56 9.61 -21.50
CA ALA A 2 -7.97 9.74 -21.76
C ALA A 2 -8.63 10.77 -20.86
N MET A 3 -7.97 11.17 -19.77
CA MET A 3 -8.48 12.20 -18.87
C MET A 3 -7.90 13.57 -19.15
N GLY A 4 -7.11 13.71 -20.22
CA GLY A 4 -6.46 14.97 -20.50
C GLY A 4 -7.43 16.09 -20.83
N SER A 5 -8.59 15.75 -21.38
CA SER A 5 -9.58 16.77 -21.74
C SER A 5 -10.48 17.16 -20.58
N MET A 6 -10.41 16.49 -19.44
CA MET A 6 -11.31 16.79 -18.33
C MET A 6 -10.65 17.72 -17.32
N GLU A 7 -11.43 18.69 -16.83
CA GLU A 7 -10.95 19.61 -15.80
C GLU A 7 -10.51 18.86 -14.55
N ARG A 8 -9.44 19.36 -13.93
CA ARG A 8 -8.93 18.79 -12.69
C ARG A 8 -10.03 18.68 -11.64
N ALA A 9 -10.81 19.76 -11.47
CA ALA A 9 -11.84 19.75 -10.44
C ALA A 9 -12.88 18.67 -10.72
N SER A 10 -13.18 18.44 -12.01
CA SER A 10 -14.17 17.44 -12.40
C SER A 10 -13.64 16.03 -12.14
N LEU A 11 -12.35 15.80 -12.40
CA LEU A 11 -11.75 14.53 -12.04
C LEU A 11 -11.86 14.25 -10.56
N ILE A 12 -11.55 15.26 -9.73
CA ILE A 12 -11.62 15.07 -8.27
C ILE A 12 -13.05 14.79 -7.86
N GLN A 13 -14.00 15.56 -8.40
CA GLN A 13 -15.41 15.35 -8.11
C GLN A 13 -15.86 13.95 -8.50
N LYS A 14 -15.44 13.49 -9.69
CA LYS A 14 -15.87 12.18 -10.17
C LYS A 14 -15.18 11.06 -9.41
N ALA A 15 -13.97 11.29 -8.90
CA ALA A 15 -13.33 10.29 -8.06
C ALA A 15 -14.11 10.09 -6.77
N LYS A 16 -14.68 11.16 -6.22
CA LYS A 16 -15.48 11.03 -5.01
C LYS A 16 -16.80 10.33 -5.30
N LEU A 17 -17.39 10.59 -6.47
CA LEU A 17 -18.57 9.83 -6.89
C LEU A 17 -18.25 8.35 -7.04
N ALA A 18 -17.15 8.03 -7.73
CA ALA A 18 -16.75 6.64 -7.89
C ALA A 18 -16.52 5.97 -6.54
N GLU A 19 -15.93 6.69 -5.58
CA GLU A 19 -15.76 6.14 -4.23
C GLU A 19 -17.10 5.78 -3.61
N GLN A 20 -18.07 6.69 -3.68
CA GLN A 20 -19.40 6.38 -3.13
C GLN A 20 -20.02 5.18 -3.83
N ALA A 21 -19.75 4.99 -5.10
CA ALA A 21 -20.31 3.86 -5.84
C ALA A 21 -19.42 2.63 -5.80
N GLU A 22 -18.32 2.67 -5.05
CA GLU A 22 -17.37 1.57 -4.96
C GLU A 22 -16.91 1.11 -6.34
N ARG A 23 -16.73 2.08 -7.24
CA ARG A 23 -16.14 1.81 -8.56
C ARG A 23 -14.68 2.24 -8.50
N TYR A 24 -13.84 1.35 -7.98
CA TYR A 24 -12.49 1.78 -7.62
C TYR A 24 -11.57 1.87 -8.81
N GLU A 25 -11.83 1.08 -9.86
CA GLU A 25 -11.07 1.18 -11.09
C GLU A 25 -11.28 2.54 -11.75
N ASP A 26 -12.54 2.99 -11.84
CA ASP A 26 -12.81 4.35 -12.29
C ASP A 26 -12.15 5.38 -11.37
N MET A 27 -12.31 5.20 -10.06
CA MET A 27 -11.73 6.13 -9.10
C MET A 27 -10.23 6.28 -9.33
N ALA A 28 -9.55 5.17 -9.59
CA ALA A 28 -8.11 5.21 -9.83
C ALA A 28 -7.80 5.93 -11.13
N ALA A 29 -8.60 5.71 -12.17
CA ALA A 29 -8.38 6.39 -13.44
C ALA A 29 -8.55 7.90 -13.32
N PHE A 30 -9.56 8.33 -12.55
CA PHE A 30 -9.81 9.76 -12.38
C PHE A 30 -8.67 10.41 -11.61
N MET A 31 -8.18 9.74 -10.57
CA MET A 31 -7.11 10.31 -9.77
C MET A 31 -5.78 10.28 -10.51
N LYS A 32 -5.53 9.25 -11.32
CA LYS A 32 -4.37 9.27 -12.23
C LYS A 32 -4.45 10.47 -13.17
N GLY A 33 -5.64 10.72 -13.75
CA GLY A 33 -5.81 11.91 -14.57
C GLY A 33 -5.52 13.19 -13.78
N ALA A 34 -5.94 13.23 -12.52
CA ALA A 34 -5.76 14.42 -11.70
C ALA A 34 -4.29 14.66 -11.41
N VAL A 35 -3.57 13.60 -11.05
CA VAL A 35 -2.13 13.71 -10.84
C VAL A 35 -1.46 14.25 -12.09
N GLU A 36 -1.87 13.76 -13.25
CA GLU A 36 -1.18 14.11 -14.49
C GLU A 36 -1.45 15.54 -14.92
N LYS A 37 -2.31 16.28 -14.22
CA LYS A 37 -2.43 17.71 -14.45
C LYS A 37 -1.19 18.46 -14.01
N GLY A 38 -0.37 17.86 -13.16
CA GLY A 38 0.91 18.43 -12.80
C GLY A 38 0.94 19.25 -11.54
N GLU A 39 -0.19 19.42 -10.86
CA GLU A 39 -0.23 20.14 -9.59
C GLU A 39 -0.15 19.15 -8.43
N GLU A 40 0.34 19.61 -7.29
CA GLU A 40 0.41 18.73 -6.13
C GLU A 40 -1.00 18.39 -5.65
N LEU A 41 -1.10 17.24 -4.96
CA LEU A 41 -2.38 16.83 -4.39
C LEU A 41 -2.50 17.38 -2.97
N SER A 42 -3.71 17.78 -2.61
CA SER A 42 -3.99 18.14 -1.23
C SER A 42 -4.10 16.91 -0.35
N GLU A 44 -6.70 15.68 1.23
CA GLU A 44 -7.87 14.88 0.89
C GLU A 44 -7.69 14.15 -0.45
N GLU A 45 -7.01 14.81 -1.40
CA GLU A 45 -6.79 14.20 -2.72
C GLU A 45 -5.80 13.04 -2.65
N ARG A 46 -4.77 13.15 -1.79
CA ARG A 46 -3.86 12.02 -1.63
C ARG A 46 -4.62 10.79 -1.15
N ASN A 47 -5.59 11.00 -0.24
CA ASN A 47 -6.36 9.87 0.30
C ASN A 47 -7.19 9.21 -0.80
N LEU A 48 -7.81 10.00 -1.67
CA LEU A 48 -8.57 9.43 -2.79
C LEU A 48 -7.67 8.58 -3.67
N LEU A 49 -6.48 9.09 -3.99
CA LEU A 49 -5.52 8.34 -4.80
C LEU A 49 -5.19 7.00 -4.15
N SER A 50 -4.80 7.02 -2.86
CA SER A 50 -4.32 5.79 -2.24
C SER A 50 -5.43 4.77 -2.06
N VAL A 51 -6.62 5.24 -1.67
CA VAL A 51 -7.74 4.33 -1.46
C VAL A 51 -8.11 3.64 -2.77
N ALA A 52 -8.09 4.38 -3.88
CA ALA A 52 -8.50 3.81 -5.15
C ALA A 52 -7.59 2.65 -5.54
N TYR A 53 -6.28 2.89 -5.63
CA TYR A 53 -5.37 1.83 -6.04
C TYR A 53 -5.25 0.74 -4.98
N LYS A 54 -5.33 1.10 -3.70
CA LYS A 54 -5.36 0.06 -2.66
C LYS A 54 -6.47 -0.95 -2.93
N ASN A 55 -7.66 -0.47 -3.31
CA ASN A 55 -8.77 -1.39 -3.56
C ASN A 55 -8.60 -2.14 -4.87
N VAL A 56 -8.14 -1.48 -5.94
CA VAL A 56 -7.91 -2.19 -7.20
C VAL A 56 -6.91 -3.31 -6.98
N VAL A 57 -5.73 -2.97 -6.47
CA VAL A 57 -4.69 -3.98 -6.31
C VAL A 57 -5.09 -4.98 -5.23
N GLY A 58 -5.89 -4.55 -4.25
CA GLY A 58 -6.34 -5.47 -3.22
C GLY A 58 -7.14 -6.63 -3.80
N GLY A 59 -8.03 -6.33 -4.75
CA GLY A 59 -8.79 -7.40 -5.39
C GLY A 59 -7.91 -8.30 -6.24
N GLN A 60 -6.97 -7.71 -6.98
CA GLN A 60 -6.05 -8.52 -7.79
C GLN A 60 -5.21 -9.45 -6.92
N ARG A 61 -4.74 -8.94 -5.77
CA ARG A 61 -3.93 -9.76 -4.88
C ARG A 61 -4.74 -10.93 -4.35
N ALA A 62 -5.96 -10.66 -3.88
CA ALA A 62 -6.81 -11.72 -3.36
C ALA A 62 -7.05 -12.78 -4.41
N ALA A 63 -7.27 -12.36 -5.67
CA ALA A 63 -7.52 -13.34 -6.73
C ALA A 63 -6.25 -14.09 -7.09
N TRP A 64 -5.11 -13.39 -7.12
CA TRP A 64 -3.83 -14.05 -7.33
C TRP A 64 -3.58 -15.11 -6.26
N ARG A 65 -3.92 -14.81 -5.00
CA ARG A 65 -3.70 -15.79 -3.95
C ARG A 65 -4.58 -17.02 -4.13
N VAL A 66 -5.84 -16.84 -4.53
CA VAL A 66 -6.70 -17.99 -4.79
C VAL A 66 -6.09 -18.87 -5.87
N LEU A 67 -5.69 -18.26 -6.98
CA LEU A 67 -5.16 -19.02 -8.12
C LEU A 67 -3.84 -19.69 -7.77
N SER A 68 -2.94 -18.98 -7.09
CA SER A 68 -1.66 -19.55 -6.72
C SER A 68 -1.81 -20.72 -5.76
N SER A 69 -2.82 -20.68 -4.89
CA SER A 69 -3.10 -21.83 -4.05
C SER A 69 -3.57 -23.02 -4.88
N ILE A 70 -4.46 -22.78 -5.83
CA ILE A 70 -4.89 -23.87 -6.70
C ILE A 70 -3.70 -24.42 -7.47
N GLU A 71 -2.83 -23.52 -7.94
CA GLU A 71 -1.64 -23.94 -8.68
C GLU A 71 -0.72 -24.78 -7.81
N GLN A 72 -0.47 -24.34 -6.58
CA GLN A 72 0.39 -25.09 -5.68
C GLN A 72 -0.14 -26.50 -5.45
N LYS A 73 -1.44 -26.62 -5.17
CA LYS A 73 -2.04 -27.94 -5.00
C LYS A 73 -1.84 -28.80 -6.25
N SER A 74 -1.92 -28.18 -7.43
CA SER A 74 -1.76 -28.94 -8.66
C SER A 74 -0.35 -29.48 -8.85
N ASN A 75 0.61 -28.98 -8.07
CA ASN A 75 2.00 -29.44 -8.16
C ASN A 75 2.40 -30.23 -6.92
N GLU A 76 1.43 -30.77 -6.17
CA GLU A 76 1.72 -31.60 -5.01
C GLU A 76 1.84 -33.08 -5.41
N GLY A 78 0.28 -36.60 -5.95
CA GLY A 78 -1.01 -37.26 -6.06
C GLY A 78 -2.06 -36.44 -6.77
N SER A 79 -1.64 -35.31 -7.34
CA SER A 79 -2.53 -34.39 -8.04
C SER A 79 -2.48 -34.65 -9.54
N GLU A 80 -3.65 -34.68 -10.18
CA GLU A 80 -3.73 -35.00 -11.59
C GLU A 80 -3.28 -33.81 -12.44
N GLU A 81 -2.54 -34.12 -13.51
CA GLU A 81 -2.10 -33.10 -14.46
C GLU A 81 -3.32 -32.55 -15.21
N LYS A 82 -3.64 -31.29 -14.97
CA LYS A 82 -4.77 -30.64 -15.63
C LYS A 82 -4.35 -29.75 -16.79
N GLY A 83 -3.05 -29.70 -17.12
CA GLY A 83 -2.58 -28.92 -18.22
C GLY A 83 -2.12 -27.53 -17.81
N PRO A 84 -1.95 -26.64 -18.78
CA PRO A 84 -1.35 -25.33 -18.50
C PRO A 84 -2.33 -24.25 -18.03
N GLU A 85 -3.62 -24.55 -17.88
CA GLU A 85 -4.60 -23.48 -17.76
C GLU A 85 -4.47 -22.72 -16.44
N VAL A 86 -4.17 -23.41 -15.35
CA VAL A 86 -4.07 -22.74 -14.06
C VAL A 86 -2.90 -21.76 -14.05
N ARG A 87 -1.74 -22.22 -14.53
CA ARG A 87 -0.59 -21.32 -14.64
C ARG A 87 -0.89 -20.15 -15.56
N GLU A 88 -1.53 -20.43 -16.69
CA GLU A 88 -1.83 -19.34 -17.64
C GLU A 88 -2.69 -18.28 -16.98
N TYR A 89 -3.76 -18.69 -16.30
CA TYR A 89 -4.68 -17.74 -15.72
C TYR A 89 -4.06 -17.03 -14.52
N ARG A 90 -3.25 -17.73 -13.71
CA ARG A 90 -2.53 -17.06 -12.65
C ARG A 90 -1.57 -16.00 -13.21
N GLU A 91 -0.89 -16.33 -14.31
N GLU A 91 -0.89 -16.33 -14.31
CA GLU A 91 0.02 -15.38 -14.95
CA GLU A 91 0.02 -15.35 -14.92
C GLU A 91 -0.74 -14.18 -15.51
C GLU A 91 -0.74 -14.18 -15.53
N LYS A 92 -1.93 -14.42 -16.07
CA LYS A 92 -2.74 -13.32 -16.58
C LYS A 92 -3.06 -12.33 -15.47
N VAL A 93 -3.57 -12.83 -14.34
CA VAL A 93 -3.90 -11.98 -13.20
C VAL A 93 -2.65 -11.30 -12.66
N GLU A 94 -1.54 -12.05 -12.60
CA GLU A 94 -0.29 -11.52 -12.07
C GLU A 94 0.23 -10.37 -12.93
N THR A 95 0.22 -10.56 -14.25
CA THR A 95 0.68 -9.52 -15.15
C THR A 95 -0.16 -8.25 -15.03
N GLU A 96 -1.47 -8.40 -14.87
CA GLU A 96 -2.35 -7.24 -14.66
C GLU A 96 -2.04 -6.55 -13.34
N LEU A 97 -1.89 -7.32 -12.27
CA LEU A 97 -1.45 -6.76 -10.99
C LEU A 97 -0.15 -5.97 -11.15
N GLN A 98 0.85 -6.57 -11.78
CA GLN A 98 2.14 -5.89 -11.95
C GLN A 98 1.98 -4.60 -12.76
N GLY A 99 1.05 -4.58 -13.71
CA GLY A 99 0.84 -3.38 -14.49
C GLY A 99 0.23 -2.25 -13.67
N VAL A 100 -0.67 -2.59 -12.76
CA VAL A 100 -1.19 -1.57 -11.86
C VAL A 100 -0.09 -1.06 -10.94
N CYS A 101 0.72 -1.96 -10.37
CA CYS A 101 1.80 -1.51 -9.49
C CYS A 101 2.78 -0.63 -10.25
N ASP A 102 3.09 -0.99 -11.49
CA ASP A 102 3.99 -0.17 -12.29
C ASP A 102 3.40 1.20 -12.54
N THR A 103 2.08 1.26 -12.81
CA THR A 103 1.43 2.54 -13.02
C THR A 103 1.52 3.41 -11.76
N VAL A 104 1.20 2.85 -10.60
CA VAL A 104 1.28 3.64 -9.36
C VAL A 104 2.70 4.12 -9.14
N LEU A 105 3.68 3.22 -9.27
CA LEU A 105 5.07 3.60 -9.02
C LEU A 105 5.52 4.68 -9.98
N GLY A 106 5.09 4.59 -11.25
CA GLY A 106 5.39 5.63 -12.21
C GLY A 106 4.81 6.98 -11.82
N LEU A 107 3.60 7.00 -11.25
CA LEU A 107 3.01 8.27 -10.85
C LEU A 107 3.79 8.90 -9.70
N LEU A 108 4.13 8.07 -8.70
CA LEU A 108 4.92 8.55 -7.59
C LEU A 108 6.25 9.11 -8.09
N ASP A 109 6.85 8.44 -9.07
CA ASP A 109 8.09 8.91 -9.65
C ASP A 109 7.92 10.11 -10.58
N SER A 110 6.68 10.44 -11.00
CA SER A 110 6.43 11.47 -12.03
C SER A 110 5.10 12.19 -11.79
N HIS A 111 5.05 13.10 -10.81
CA HIS A 111 6.23 13.58 -10.08
C HIS A 111 5.87 13.87 -8.60
N LEU A 112 5.09 12.98 -8.00
CA LEU A 112 4.58 13.20 -6.65
C LEU A 112 5.70 13.27 -5.61
N ILE A 113 6.59 12.27 -5.59
CA ILE A 113 7.63 12.22 -4.55
C ILE A 113 8.57 13.41 -4.67
N LYS A 114 9.08 13.68 -5.87
CA LYS A 114 10.07 14.75 -6.02
C LYS A 114 9.53 16.09 -5.54
N GLU A 115 8.26 16.40 -5.82
CA GLU A 115 7.68 17.70 -5.55
C GLU A 115 7.07 17.83 -4.15
N ALA A 116 7.12 16.78 -3.33
CA ALA A 116 6.54 16.82 -1.99
C ALA A 116 7.55 17.34 -0.97
N GLY A 117 7.22 18.46 -0.32
CA GLY A 117 8.10 19.08 0.66
C GLY A 117 7.66 18.93 2.10
N ASP A 118 6.35 19.05 2.36
CA ASP A 118 5.82 18.82 3.69
C ASP A 118 5.96 17.35 4.09
N ALA A 119 6.33 17.11 5.34
CA ALA A 119 6.65 15.76 5.79
C ALA A 119 5.49 14.80 5.58
N GLU A 120 4.26 15.25 5.86
CA GLU A 120 3.10 14.38 5.74
C GLU A 120 3.00 13.79 4.33
N SER A 121 3.05 14.66 3.32
CA SER A 121 2.92 14.20 1.94
C SER A 121 4.11 13.34 1.56
N ARG A 122 5.32 13.72 1.97
CA ARG A 122 6.49 12.96 1.57
C ARG A 122 6.46 11.56 2.16
N VAL A 123 6.09 11.44 3.45
CA VAL A 123 5.99 10.12 4.07
C VAL A 123 4.87 9.32 3.43
N PHE A 124 3.75 9.99 3.14
CA PHE A 124 2.60 9.35 2.50
C PHE A 124 3.02 8.69 1.19
N TYR A 125 3.69 9.43 0.32
CA TYR A 125 4.05 8.90 -0.99
C TYR A 125 5.14 7.83 -0.88
N LEU A 126 6.07 7.98 0.05
CA LEU A 126 7.09 6.95 0.24
C LEU A 126 6.48 5.68 0.80
N LYS A 127 5.49 5.80 1.70
CA LYS A 127 4.75 4.62 2.13
C LYS A 127 4.12 3.92 0.94
N MET A 128 3.47 4.69 0.05
CA MET A 128 2.84 4.08 -1.13
C MET A 128 3.86 3.34 -1.97
N LYS A 129 5.01 3.97 -2.19
CA LYS A 129 6.08 3.35 -2.96
C LYS A 129 6.51 2.03 -2.35
N GLY A 130 6.68 2.01 -1.03
CA GLY A 130 6.98 0.76 -0.35
C GLY A 130 5.88 -0.27 -0.55
N ASP A 131 4.61 0.15 -0.43
CA ASP A 131 3.50 -0.79 -0.58
C ASP A 131 3.53 -1.45 -1.96
N TYR A 132 3.62 -0.66 -3.03
CA TYR A 132 3.48 -1.25 -4.37
C TYR A 132 4.73 -2.01 -4.79
N TYR A 133 5.93 -1.67 -4.27
CA TYR A 133 7.04 -2.59 -4.42
C TYR A 133 6.82 -3.87 -3.61
N ARG A 134 6.19 -3.75 -2.43
CA ARG A 134 5.87 -4.95 -1.65
C ARG A 134 4.93 -5.87 -2.42
N TYR A 135 3.93 -5.31 -3.11
CA TYR A 135 3.00 -6.14 -3.87
C TYR A 135 3.70 -6.82 -5.04
N LEU A 136 4.66 -6.14 -5.66
CA LEU A 136 5.48 -6.78 -6.68
C LEU A 136 6.33 -7.89 -6.09
N ALA A 137 6.81 -7.70 -4.85
CA ALA A 137 7.62 -8.73 -4.19
C ALA A 137 6.78 -9.96 -3.88
N GLU A 138 5.51 -9.76 -3.49
CA GLU A 138 4.64 -10.87 -3.13
C GLU A 138 4.52 -11.89 -4.26
N VAL A 139 4.64 -11.45 -5.51
CA VAL A 139 4.50 -12.34 -6.65
C VAL A 139 5.82 -12.61 -7.35
N ALA A 140 6.92 -12.00 -6.90
CA ALA A 140 8.20 -12.14 -7.58
C ALA A 140 8.83 -13.50 -7.26
N THR A 141 9.43 -14.12 -8.28
CA THR A 141 10.09 -15.41 -8.13
C THR A 141 11.38 -15.53 -8.92
N GLY A 142 11.74 -14.53 -9.71
CA GLY A 142 12.90 -14.60 -10.56
C GLY A 142 14.09 -13.86 -9.99
N ASP A 143 15.00 -13.46 -10.89
CA ASP A 143 16.24 -12.81 -10.47
C ASP A 143 15.95 -11.51 -9.73
N ASP A 144 14.83 -10.85 -10.01
CA ASP A 144 14.58 -9.51 -9.52
C ASP A 144 13.96 -9.49 -8.12
N LYS A 145 13.64 -10.64 -7.55
CA LYS A 145 12.94 -10.62 -6.26
C LYS A 145 13.72 -9.84 -5.22
N LYS A 146 15.01 -10.17 -5.04
CA LYS A 146 15.82 -9.51 -4.02
C LYS A 146 15.92 -8.01 -4.27
N ARG A 147 15.97 -7.60 -5.54
CA ARG A 147 16.02 -6.17 -5.87
C ARG A 147 14.70 -5.49 -5.55
N ILE A 148 13.58 -6.17 -5.82
CA ILE A 148 12.28 -5.60 -5.56
C ILE A 148 12.06 -5.44 -4.05
N ILE A 149 12.43 -6.47 -3.29
CA ILE A 149 12.38 -6.41 -1.83
C ILE A 149 13.17 -5.22 -1.32
N ASP A 150 14.37 -5.01 -1.85
CA ASP A 150 15.19 -3.92 -1.34
C ASP A 150 14.63 -2.56 -1.71
N SER A 151 13.97 -2.46 -2.88
CA SER A 151 13.32 -1.21 -3.27
C SER A 151 12.19 -0.86 -2.31
N ALA A 152 11.45 -1.86 -1.85
CA ALA A 152 10.42 -1.62 -0.84
C ALA A 152 11.04 -1.20 0.49
N ARG A 153 12.01 -1.97 0.98
CA ARG A 153 12.71 -1.60 2.21
C ARG A 153 13.22 -0.17 2.14
N SER A 154 13.97 0.15 1.08
CA SER A 154 14.56 1.48 0.96
C SER A 154 13.50 2.58 1.02
N ALA A 155 12.35 2.37 0.38
CA ALA A 155 11.28 3.35 0.42
C ALA A 155 10.68 3.46 1.82
N TYR A 156 10.34 2.31 2.41
CA TYR A 156 9.78 2.31 3.76
C TYR A 156 10.75 2.95 4.76
N GLN A 157 12.04 2.66 4.61
CA GLN A 157 13.01 3.17 5.58
C GLN A 157 13.14 4.68 5.50
N GLU A 158 13.18 5.24 4.30
CA GLU A 158 13.25 6.70 4.18
C GLU A 158 12.00 7.35 4.79
N ALA A 159 10.83 6.79 4.51
CA ALA A 159 9.60 7.27 5.14
C ALA A 159 9.69 7.19 6.65
N MET A 160 10.20 6.07 7.17
CA MET A 160 10.33 5.92 8.62
C MET A 160 11.24 7.00 9.20
N ASP A 161 12.41 7.21 8.59
CA ASP A 161 13.34 8.21 9.12
C ASP A 161 12.67 9.59 9.16
N ILE A 162 11.96 9.95 8.10
CA ILE A 162 11.26 11.24 8.08
C ILE A 162 10.20 11.28 9.17
N SER A 163 9.38 10.24 9.27
CA SER A 163 8.23 10.31 10.16
C SER A 163 8.66 10.46 11.61
N LYS A 164 9.78 9.82 11.99
CA LYS A 164 10.25 9.94 13.36
C LYS A 164 10.83 11.32 13.63
N LYS A 165 11.44 11.97 12.63
CA LYS A 165 11.95 13.30 12.87
C LYS A 165 10.86 14.36 12.81
N GLU A 166 9.85 14.19 11.96
CA GLU A 166 8.94 15.28 11.67
C GLU A 166 7.53 15.10 12.19
N MET A 167 7.15 13.92 12.67
CA MET A 167 5.74 13.71 12.99
C MET A 167 5.59 13.19 14.41
N PRO A 168 4.47 13.49 15.05
CA PRO A 168 4.23 12.94 16.40
C PRO A 168 3.89 11.46 16.34
N PRO A 169 4.11 10.75 17.44
CA PRO A 169 3.95 9.28 17.41
C PRO A 169 2.56 8.80 17.09
N THR A 170 1.55 9.65 17.25
CA THR A 170 0.16 9.28 16.99
C THR A 170 -0.32 9.76 15.62
N ASN A 171 0.56 10.31 14.82
CA ASN A 171 0.17 10.72 13.48
CA ASN A 171 0.16 10.72 13.48
C ASN A 171 -0.30 9.51 12.69
N PRO A 172 -1.48 9.55 12.06
CA PRO A 172 -2.01 8.35 11.40
C PRO A 172 -1.15 7.84 10.25
N ILE A 173 -0.56 8.75 9.48
CA ILE A 173 0.35 8.34 8.41
C ILE A 173 1.61 7.68 9.00
N ARG A 174 2.17 8.27 10.06
CA ARG A 174 3.31 7.63 10.71
C ARG A 174 2.94 6.24 11.22
N LEU A 175 1.77 6.10 11.84
CA LEU A 175 1.35 4.80 12.34
C LEU A 175 1.13 3.80 11.21
N GLY A 176 0.50 4.24 10.12
CA GLY A 176 0.21 3.33 9.01
C GLY A 176 1.46 2.92 8.26
N LEU A 177 2.41 3.83 8.12
CA LEU A 177 3.71 3.45 7.60
C LEU A 177 4.33 2.34 8.45
N ALA A 178 4.29 2.50 9.77
CA ALA A 178 4.96 1.54 10.63
C ALA A 178 4.25 0.20 10.60
N LEU A 179 2.92 0.21 10.63
CA LEU A 179 2.16 -1.03 10.45
C LEU A 179 2.62 -1.76 9.20
N ASN A 180 2.68 -1.06 8.06
CA ASN A 180 2.95 -1.76 6.80
C ASN A 180 4.41 -2.20 6.71
N PHE A 181 5.34 -1.41 7.27
CA PHE A 181 6.75 -1.83 7.32
C PHE A 181 6.90 -3.07 8.19
N SER A 182 6.14 -3.15 9.29
CA SER A 182 6.19 -4.36 10.08
C SER A 182 5.62 -5.55 9.30
N VAL A 183 4.56 -5.31 8.51
CA VAL A 183 4.02 -6.37 7.65
C VAL A 183 5.07 -6.79 6.62
N PHE A 184 5.78 -5.82 6.06
CA PHE A 184 6.88 -6.13 5.16
C PHE A 184 7.90 -7.05 5.83
N HIS A 185 8.34 -6.69 7.03
CA HIS A 185 9.33 -7.51 7.74
C HIS A 185 8.83 -8.93 7.93
N TYR A 186 7.56 -9.08 8.27
CA TYR A 186 7.03 -10.38 8.66
C TYR A 186 6.79 -11.29 7.46
N GLU A 187 6.18 -10.75 6.39
CA GLU A 187 5.71 -11.53 5.25
C GLU A 187 6.67 -11.54 4.06
N ILE A 188 7.54 -10.55 3.93
CA ILE A 188 8.40 -10.40 2.76
C ILE A 188 9.86 -10.68 3.11
N ALA A 189 10.39 -10.01 4.14
CA ALA A 189 11.81 -10.00 4.43
C ALA A 189 12.25 -11.10 5.39
N ASN A 190 11.34 -11.98 5.77
CA ASN A 190 11.69 -13.11 6.63
C ASN A 190 12.30 -12.64 7.94
N SER A 191 11.67 -11.63 8.55
CA SER A 191 12.22 -10.97 9.75
C SER A 191 11.12 -10.78 10.79
N PRO A 192 10.53 -11.87 11.26
CA PRO A 192 9.40 -11.76 12.20
C PRO A 192 9.76 -11.03 13.48
N GLU A 193 10.98 -11.19 13.99
CA GLU A 193 11.38 -10.50 15.21
C GLU A 193 11.45 -9.00 14.98
N GLU A 194 11.98 -8.56 13.85
CA GLU A 194 11.93 -7.13 13.52
C GLU A 194 10.48 -6.66 13.42
N ALA A 195 9.61 -7.43 12.75
CA ALA A 195 8.22 -7.03 12.62
C ALA A 195 7.58 -6.82 14.00
N ILE A 196 7.84 -7.74 14.91
CA ILE A 196 7.23 -7.71 16.24
C ILE A 196 7.76 -6.54 17.06
N SER A 197 9.08 -6.33 17.02
CA SER A 197 9.66 -5.19 17.75
C SER A 197 9.13 -3.87 17.25
N LEU A 198 9.02 -3.72 15.92
CA LEU A 198 8.52 -2.46 15.38
C LEU A 198 7.07 -2.24 15.76
N ALA A 199 6.22 -3.27 15.64
CA ALA A 199 4.81 -3.08 15.98
C ALA A 199 4.65 -2.69 17.45
N LYS A 200 5.45 -3.33 18.33
CA LYS A 200 5.32 -3.06 19.76
C LYS A 200 5.78 -1.64 20.11
N THR A 201 6.96 -1.23 19.65
CA THR A 201 7.40 0.12 20.00
C THR A 201 6.46 1.16 19.38
N THR A 202 5.99 0.91 18.16
CA THR A 202 5.05 1.84 17.54
C THR A 202 3.78 1.96 18.37
N PHE A 203 3.19 0.84 18.77
CA PHE A 203 1.97 0.89 19.57
C PHE A 203 2.23 1.58 20.91
N ASP A 204 3.33 1.21 21.57
CA ASP A 204 3.61 1.74 22.90
C ASP A 204 3.85 3.25 22.85
N GLU A 205 4.56 3.74 21.84
CA GLU A 205 4.86 5.16 21.80
C GLU A 205 3.63 5.98 21.44
N ALA A 206 2.68 5.41 20.71
CA ALA A 206 1.45 6.11 20.42
C ALA A 206 0.55 6.15 21.65
N MET A 207 0.49 5.04 22.40
CA MET A 207 -0.28 4.99 23.63
C MET A 207 0.12 6.10 24.58
N ALA A 208 1.44 6.29 24.75
CA ALA A 208 1.98 7.28 25.67
C ALA A 208 1.71 8.71 25.25
N ASP A 209 1.28 8.93 24.00
CA ASP A 209 1.04 10.25 23.46
C ASP A 209 -0.43 10.56 23.25
N LEU A 210 -1.33 9.59 23.49
CA LEU A 210 -2.75 9.87 23.34
C LEU A 210 -3.21 11.01 24.24
N HIS A 211 -2.53 11.25 25.35
CA HIS A 211 -2.98 12.26 26.29
C HIS A 211 -2.94 13.66 25.69
N THR A 212 -2.18 13.86 24.63
CA THR A 212 -2.08 15.18 24.03
C THR A 212 -3.20 15.47 23.03
N LEU A 213 -4.03 14.48 22.70
CA LEU A 213 -4.93 14.59 21.56
C LEU A 213 -6.35 14.97 21.96
N SER A 214 -7.02 15.68 21.04
CA SER A 214 -8.42 16.04 21.22
C SER A 214 -9.32 14.84 20.99
N GLU A 215 -10.40 14.77 21.76
CA GLU A 215 -11.37 13.70 21.58
C GLU A 215 -12.02 13.81 20.21
N ASP A 216 -12.21 12.65 19.57
CA ASP A 216 -12.90 12.51 18.29
C ASP A 216 -12.08 13.00 17.10
N SER A 217 -10.83 13.41 17.32
CA SER A 217 -9.99 13.90 16.24
C SER A 217 -8.99 12.87 15.73
N TYR A 218 -9.00 11.64 16.27
CA TYR A 218 -7.96 10.68 15.91
C TYR A 218 -8.53 9.28 15.73
N LYS A 219 -9.76 9.20 15.21
CA LYS A 219 -10.37 7.90 14.96
C LYS A 219 -9.50 7.04 14.04
N ASP A 220 -8.81 7.65 13.07
CA ASP A 220 -7.96 6.86 12.18
C ASP A 220 -6.75 6.31 12.91
N SER A 221 -6.14 7.11 13.80
CA SER A 221 -5.01 6.61 14.58
C SER A 221 -5.43 5.46 15.49
N THR A 222 -6.65 5.52 16.05
CA THR A 222 -7.05 4.42 16.93
C THR A 222 -7.24 3.14 16.14
N LEU A 223 -7.86 3.25 14.97
CA LEU A 223 -8.04 2.08 14.10
C LEU A 223 -6.71 1.43 13.79
N ILE A 224 -5.69 2.24 13.47
CA ILE A 224 -4.40 1.67 13.10
C ILE A 224 -3.75 1.02 14.32
N MET A 225 -3.85 1.68 15.48
CA MET A 225 -3.32 1.09 16.71
C MET A 225 -3.98 -0.25 16.99
N GLN A 226 -5.28 -0.38 16.69
CA GLN A 226 -5.93 -1.67 16.81
C GLN A 226 -5.39 -2.68 15.80
N LEU A 227 -5.01 -2.23 14.61
CA LEU A 227 -4.45 -3.17 13.65
C LEU A 227 -3.06 -3.62 14.08
N LEU A 228 -2.27 -2.71 14.67
CA LEU A 228 -1.00 -3.12 15.26
C LEU A 228 -1.22 -4.14 16.35
N ARG A 229 -2.20 -3.91 17.21
CA ARG A 229 -2.49 -4.85 18.29
C ARG A 229 -2.96 -6.18 17.75
N ASP A 230 -3.78 -6.17 16.70
CA ASP A 230 -4.23 -7.42 16.10
C ASP A 230 -3.04 -8.23 15.57
N ASN A 231 -2.15 -7.58 14.82
CA ASN A 231 -1.01 -8.30 14.27
C ASN A 231 -0.16 -8.88 15.39
N LEU A 232 0.10 -8.11 16.44
CA LEU A 232 0.91 -8.61 17.55
C LEU A 232 0.27 -9.82 18.21
N THR A 233 -1.07 -9.81 18.33
CA THR A 233 -1.76 -10.96 18.90
C THR A 233 -1.63 -12.19 18.02
N LEU A 234 -1.70 -12.00 16.70
CA LEU A 234 -1.50 -13.10 15.76
C LEU A 234 -0.05 -13.57 15.75
N TRP A 235 0.90 -12.67 15.95
CA TRP A 235 2.30 -13.03 15.79
C TRP A 235 2.96 -13.57 17.06
N THR A 236 2.32 -13.41 18.22
CA THR A 236 2.95 -13.79 19.49
C THR A 236 2.12 -14.74 20.35
N MET B 7 -5.57 -13.24 10.23
CA MET B 7 -5.30 -12.36 9.09
C MET B 7 -4.35 -11.21 9.45
N THR B 8 -3.15 -11.19 8.85
CA THR B 8 -2.25 -10.05 9.01
C THR B 8 -2.85 -8.84 8.29
N MET B 9 -2.95 -7.72 9.01
CA MET B 9 -3.57 -6.53 8.46
C MET B 9 -2.57 -5.45 8.08
N VAL B 11 -2.65 -1.27 6.07
CA VAL B 11 -3.55 -0.13 5.92
C VAL B 11 -3.12 0.70 4.73
#